data_4PMD
#
_entry.id   4PMD
#
_cell.length_a   42.319
_cell.length_b   80.817
_cell.length_c   115.190
_cell.angle_alpha   90.000
_cell.angle_beta   90.000
_cell.angle_gamma   90.000
#
_symmetry.space_group_name_H-M   'P 21 21 21'
#
loop_
_entity.id
_entity.type
_entity.pdbx_description
1 polymer Endo-1,4-beta-xylanase
2 branched beta-D-xylopyranose-(1-4)-beta-D-xylopyranose
3 water water
#
_entity_poly.entity_id   1
_entity_poly.type   'polypeptide(L)'
_entity_poly.pdbx_seq_one_letter_code
;MSEDYYEKSTVSLTEKYKEFFKIGAAVTVKDFEGIHGRILTKHFNSLTPENDMKFERIHPKEDFYNFEATDKIKDFALKH
NMQLRGHTLVWHNQTPEWVFRDNDKEAPKELVIERLREHIKTICTRYRDVVYSWDVVNAAVEDKTDVLLRDSKWRRIIGD
DYIKIAFEIAKKYTGNGKLFYNDYNNEMPYKLEKTYKVLKSLLEEGTPIDGVGIQAHWNIWDKNLIDNLKRAIETYASLG
LEIQITELDISVFEFEDRRTDLLEPTEEMVELQAKVYEDVFRVFREYRDVITSVTLWGISDRHTWKDNFPVIGRKDWPLL
FDIDGKPKKAFFRIIDFL
;
_entity_poly.pdbx_strand_id   A
#
# COMPACT_ATOMS: atom_id res chain seq x y z
N THR A 10 -20.40 -7.74 -19.12
CA THR A 10 -19.14 -7.32 -18.44
C THR A 10 -19.42 -7.04 -16.94
N VAL A 11 -18.85 -7.90 -16.09
CA VAL A 11 -19.02 -7.85 -14.65
C VAL A 11 -18.01 -6.84 -14.11
N SER A 12 -18.45 -6.00 -13.19
CA SER A 12 -17.58 -4.97 -12.55
C SER A 12 -16.93 -5.57 -11.32
N LEU A 13 -15.61 -5.41 -11.19
CA LEU A 13 -14.90 -6.06 -10.12
C LEU A 13 -15.42 -5.53 -8.81
N THR A 14 -15.45 -4.19 -8.67
CA THR A 14 -15.91 -3.58 -7.40
C THR A 14 -17.37 -3.98 -7.07
N GLU A 15 -18.23 -4.04 -8.08
CA GLU A 15 -19.63 -4.54 -7.86
C GLU A 15 -19.68 -5.99 -7.42
N LYS A 16 -18.91 -6.86 -8.09
CA LYS A 16 -18.87 -8.25 -7.70
C LYS A 16 -18.40 -8.44 -6.26
N TYR A 17 -17.53 -7.54 -5.76
CA TYR A 17 -16.95 -7.68 -4.44
C TYR A 17 -17.57 -6.65 -3.46
N LYS A 18 -18.65 -6.00 -3.88
CA LYS A 18 -19.28 -4.94 -3.07
C LYS A 18 -19.71 -5.38 -1.66
N GLU A 19 -20.04 -6.65 -1.45
CA GLU A 19 -20.36 -7.14 -0.09
C GLU A 19 -19.16 -7.71 0.68
N PHE A 20 -17.97 -7.57 0.11
CA PHE A 20 -16.78 -8.17 0.67
C PHE A 20 -15.79 -7.11 1.16
N PHE A 21 -15.40 -6.26 0.24
CA PHE A 21 -14.41 -5.21 0.52
C PHE A 21 -14.26 -4.27 -0.66
N LYS A 22 -13.68 -3.07 -0.44
CA LYS A 22 -13.45 -2.17 -1.55
C LYS A 22 -12.37 -2.78 -2.44
N ILE A 23 -12.35 -2.31 -3.67
CA ILE A 23 -11.42 -2.78 -4.70
C ILE A 23 -10.69 -1.54 -5.23
N GLY A 24 -9.36 -1.50 -4.99
CA GLY A 24 -8.61 -0.28 -5.32
C GLY A 24 -7.45 -0.46 -6.29
N ALA A 25 -6.92 0.66 -6.75
CA ALA A 25 -5.75 0.68 -7.62
C ALA A 25 -4.85 1.86 -7.30
N ALA A 26 -3.54 1.63 -7.37
CA ALA A 26 -2.56 2.68 -7.33
C ALA A 26 -2.64 3.50 -8.59
N VAL A 27 -2.62 4.81 -8.44
CA VAL A 27 -2.78 5.72 -9.58
C VAL A 27 -1.87 6.94 -9.56
N THR A 28 -1.66 7.52 -10.75
CA THR A 28 -1.18 8.86 -10.93
C THR A 28 -2.19 9.53 -11.92
N VAL A 29 -2.03 10.82 -12.15
CA VAL A 29 -3.03 11.59 -12.90
C VAL A 29 -3.22 11.04 -14.32
N LYS A 30 -2.18 10.45 -14.89
CA LYS A 30 -2.29 9.88 -16.25
C LYS A 30 -3.31 8.75 -16.35
N ASP A 31 -3.63 8.13 -15.23
CA ASP A 31 -4.56 7.04 -15.19
C ASP A 31 -6.04 7.43 -15.36
N PHE A 32 -6.31 8.73 -15.38
CA PHE A 32 -7.68 9.23 -15.47
C PHE A 32 -8.12 9.41 -16.91
N GLU A 33 -7.20 9.13 -17.83
CA GLU A 33 -7.44 9.29 -19.24
C GLU A 33 -7.47 7.95 -19.93
N GLY A 34 -8.04 7.94 -21.12
CA GLY A 34 -7.90 6.79 -21.95
C GLY A 34 -8.48 5.57 -21.36
N ILE A 35 -7.82 4.46 -21.65
CA ILE A 35 -8.38 3.20 -21.30
C ILE A 35 -8.23 2.94 -19.80
N HIS A 36 -7.18 3.46 -19.16
CA HIS A 36 -7.06 3.29 -17.69
C HIS A 36 -8.24 3.97 -16.98
N GLY A 37 -8.65 5.10 -17.50
CA GLY A 37 -9.79 5.84 -16.95
C GLY A 37 -11.06 5.04 -16.94
N ARG A 38 -11.33 4.37 -18.07
CA ARG A 38 -12.53 3.53 -18.15
C ARG A 38 -12.39 2.28 -17.30
N ILE A 39 -11.18 1.71 -17.16
CA ILE A 39 -11.04 0.56 -16.31
C ILE A 39 -11.36 0.96 -14.87
N LEU A 40 -10.82 2.09 -14.46
CA LEU A 40 -11.00 2.56 -13.06
C LEU A 40 -12.48 2.72 -12.68
N THR A 41 -13.19 3.50 -13.48
CA THR A 41 -14.64 3.77 -13.27
C THR A 41 -15.51 2.51 -13.32
N LYS A 42 -15.16 1.57 -14.19
CA LYS A 42 -15.87 0.28 -14.23
C LYS A 42 -15.62 -0.63 -13.04
N HIS A 43 -14.35 -0.74 -12.64
CA HIS A 43 -13.92 -1.86 -11.81
C HIS A 43 -13.46 -1.53 -10.41
N PHE A 44 -13.17 -0.26 -10.16
CA PHE A 44 -12.54 0.17 -8.92
C PHE A 44 -13.35 1.23 -8.16
N ASN A 45 -13.38 1.08 -6.85
CA ASN A 45 -13.99 2.14 -6.02
C ASN A 45 -13.04 2.73 -4.98
N SER A 46 -11.78 2.37 -5.04
CA SER A 46 -10.73 2.93 -4.18
C SER A 46 -9.51 3.32 -5.03
N LEU A 47 -8.86 4.43 -4.67
CA LEU A 47 -7.61 4.91 -5.32
C LEU A 47 -6.54 5.17 -4.29
N THR A 48 -5.32 4.73 -4.59
CA THR A 48 -4.16 5.13 -3.77
C THR A 48 -3.20 5.92 -4.66
N PRO A 49 -2.84 7.17 -4.27
CA PRO A 49 -1.79 7.85 -5.01
C PRO A 49 -0.49 7.02 -4.93
N GLU A 50 0.04 6.61 -6.08
CA GLU A 50 1.22 5.75 -6.12
C GLU A 50 2.41 6.48 -5.53
N ASN A 51 2.51 7.78 -5.83
CA ASN A 51 3.63 8.59 -5.40
C ASN A 51 3.28 9.96 -4.87
N ASP A 52 2.16 10.53 -5.30
CA ASP A 52 1.94 11.97 -5.13
C ASP A 52 1.70 12.46 -3.71
N MET A 53 1.37 11.53 -2.79
CA MET A 53 1.15 11.92 -1.43
C MET A 53 2.39 11.55 -0.54
N LYS A 54 3.43 11.00 -1.14
CA LYS A 54 4.67 10.75 -0.39
C LYS A 54 5.36 12.06 -0.01
N PHE A 55 6.05 12.03 1.12
CA PHE A 55 6.56 13.28 1.73
C PHE A 55 7.40 14.07 0.74
N GLU A 56 8.33 13.42 0.06
CA GLU A 56 9.22 14.14 -0.90
C GLU A 56 8.45 14.82 -2.02
N ARG A 57 7.32 14.26 -2.44
CA ARG A 57 6.56 14.75 -3.56
C ARG A 57 5.62 15.85 -3.16
N ILE A 58 4.89 15.64 -2.06
CA ILE A 58 3.89 16.61 -1.63
C ILE A 58 4.46 17.73 -0.79
N HIS A 59 5.65 17.54 -0.22
CA HIS A 59 6.25 18.51 0.69
C HIS A 59 7.77 18.56 0.54
N PRO A 60 8.23 18.98 -0.67
CA PRO A 60 9.64 18.89 -1.03
C PRO A 60 10.57 19.86 -0.28
N LYS A 61 10.03 20.97 0.20
CA LYS A 61 10.77 21.90 1.06
C LYS A 61 9.87 22.29 2.22
N GLU A 62 10.45 22.76 3.31
CA GLU A 62 9.67 23.07 4.50
C GLU A 62 8.50 23.99 4.24
N ASP A 63 8.78 25.01 3.45
CA ASP A 63 7.77 26.02 3.12
C ASP A 63 7.08 25.84 1.76
N PHE A 64 7.14 24.63 1.19
CA PHE A 64 6.55 24.40 -0.11
C PHE A 64 5.84 23.07 -0.17
N TYR A 65 4.52 23.13 -0.35
CA TYR A 65 3.70 21.97 -0.60
C TYR A 65 3.29 21.94 -2.04
N ASN A 66 3.11 20.72 -2.54
CA ASN A 66 2.71 20.50 -3.88
C ASN A 66 1.42 19.76 -3.89
N PHE A 67 0.29 20.45 -3.98
CA PHE A 67 -1.01 19.77 -3.90
C PHE A 67 -1.71 19.48 -5.22
N GLU A 68 -1.16 19.95 -6.33
CA GLU A 68 -1.91 19.85 -7.59
C GLU A 68 -2.31 18.45 -7.97
N ALA A 69 -1.34 17.52 -7.93
CA ALA A 69 -1.63 16.16 -8.33
C ALA A 69 -2.59 15.47 -7.39
N THR A 70 -2.35 15.60 -6.09
CA THR A 70 -3.26 14.97 -5.15
C THR A 70 -4.65 15.62 -5.17
N ASP A 71 -4.73 16.91 -5.42
CA ASP A 71 -6.02 17.59 -5.58
C ASP A 71 -6.77 16.96 -6.76
N LYS A 72 -6.04 16.68 -7.84
CA LYS A 72 -6.66 16.00 -9.02
C LYS A 72 -7.16 14.62 -8.73
N ILE A 73 -6.41 13.88 -7.95
CA ILE A 73 -6.78 12.55 -7.58
C ILE A 73 -8.04 12.57 -6.68
N LYS A 74 -8.09 13.53 -5.74
CA LYS A 74 -9.27 13.71 -4.91
C LYS A 74 -10.49 14.07 -5.78
N ASP A 75 -10.28 14.95 -6.73
CA ASP A 75 -11.38 15.50 -7.54
C ASP A 75 -11.96 14.36 -8.37
N PHE A 76 -11.08 13.57 -8.97
CA PHE A 76 -11.52 12.39 -9.74
C PHE A 76 -12.29 11.40 -8.89
N ALA A 77 -11.77 11.11 -7.69
CA ALA A 77 -12.42 10.23 -6.79
C ALA A 77 -13.84 10.69 -6.44
N LEU A 78 -13.98 11.96 -6.09
CA LEU A 78 -15.29 12.55 -5.75
C LEU A 78 -16.24 12.53 -6.95
N LYS A 79 -15.73 12.89 -8.10
CA LYS A 79 -16.55 12.87 -9.33
C LYS A 79 -17.03 11.47 -9.73
N HIS A 80 -16.36 10.41 -9.25
CA HIS A 80 -16.73 9.01 -9.62
C HIS A 80 -17.06 8.09 -8.45
N ASN A 81 -17.49 8.69 -7.33
CA ASN A 81 -17.89 7.97 -6.15
C ASN A 81 -16.85 6.94 -5.67
N MET A 82 -15.61 7.37 -5.69
CA MET A 82 -14.49 6.60 -5.15
C MET A 82 -13.94 7.33 -3.93
N GLN A 83 -13.16 6.57 -3.14
CA GLN A 83 -12.47 7.15 -1.97
C GLN A 83 -10.99 6.78 -2.07
N LEU A 84 -10.18 7.47 -1.29
CA LEU A 84 -8.73 7.28 -1.35
C LEU A 84 -8.14 6.58 -0.13
N ARG A 85 -7.02 5.89 -0.37
CA ARG A 85 -6.09 5.57 0.70
C ARG A 85 -4.98 6.59 0.71
N GLY A 86 -4.68 7.06 1.90
CA GLY A 86 -3.62 8.06 2.09
C GLY A 86 -2.26 7.40 2.31
N HIS A 87 -1.46 7.39 1.28
CA HIS A 87 -0.17 6.73 1.26
C HIS A 87 0.90 7.74 0.95
N THR A 88 1.85 8.02 1.83
CA THR A 88 2.01 7.51 3.20
C THR A 88 2.71 8.63 4.00
N LEU A 89 2.44 8.70 5.31
CA LEU A 89 2.93 9.84 6.07
C LEU A 89 4.37 9.70 6.49
N VAL A 90 4.72 8.53 7.06
CA VAL A 90 6.06 8.31 7.62
C VAL A 90 6.67 7.07 6.99
N TRP A 91 7.71 7.29 6.20
CA TRP A 91 8.42 6.20 5.53
C TRP A 91 9.92 6.55 5.45
N HIS A 92 10.79 5.51 5.49
CA HIS A 92 12.23 5.73 5.35
C HIS A 92 12.63 6.13 3.92
N ASN A 93 11.82 5.76 2.93
CA ASN A 93 12.07 6.18 1.56
C ASN A 93 11.20 7.38 1.15
N GLN A 94 11.65 8.03 0.07
CA GLN A 94 10.94 9.17 -0.52
C GLN A 94 10.53 10.21 0.51
N THR A 95 11.49 10.55 1.37
CA THR A 95 11.36 11.59 2.38
C THR A 95 12.56 12.54 2.18
N PRO A 96 12.30 13.82 2.13
CA PRO A 96 13.37 14.77 1.78
C PRO A 96 14.26 15.06 2.97
N GLU A 97 15.51 15.39 2.69
CA GLU A 97 16.51 15.60 3.73
C GLU A 97 16.23 16.77 4.64
N TRP A 98 15.45 17.76 4.18
CA TRP A 98 15.24 18.95 5.02
C TRP A 98 14.65 18.64 6.39
N VAL A 99 13.84 17.57 6.43
CA VAL A 99 13.15 17.23 7.66
C VAL A 99 14.12 16.95 8.82
N PHE A 100 15.30 16.45 8.48
CA PHE A 100 16.23 15.87 9.47
C PHE A 100 17.40 16.81 9.66
N ARG A 101 17.34 17.96 9.01
CA ARG A 101 18.43 18.94 9.11
C ARG A 101 18.04 20.20 9.87
N ASP A 102 19.01 20.74 10.60
CA ASP A 102 18.87 21.98 11.31
C ASP A 102 20.08 22.84 10.96
N ASN A 103 19.95 23.63 9.89
CA ASN A 103 21.07 24.29 9.21
C ASN A 103 22.21 23.31 8.88
N ASP A 104 23.32 23.36 9.62
CA ASP A 104 24.44 22.48 9.29
C ASP A 104 24.63 21.38 10.31
N LYS A 105 23.63 21.21 11.17
CA LYS A 105 23.61 20.12 12.14
C LYS A 105 22.46 19.15 11.80
N GLU A 106 22.44 18.02 12.46
CA GLU A 106 21.27 17.16 12.39
C GLU A 106 20.17 17.72 13.27
N ALA A 107 18.91 17.55 12.89
CA ALA A 107 17.82 18.10 13.69
C ALA A 107 17.60 17.20 14.92
N PRO A 108 17.27 17.80 16.08
CA PRO A 108 16.93 17.07 17.30
C PRO A 108 15.51 16.49 17.27
N LYS A 109 15.28 15.54 18.16
CA LYS A 109 14.01 14.85 18.26
C LYS A 109 12.79 15.77 18.17
N GLU A 110 12.74 16.80 19.03
CA GLU A 110 11.50 17.60 19.12
C GLU A 110 11.27 18.49 17.88
N LEU A 111 12.35 18.86 17.18
CA LEU A 111 12.24 19.64 15.93
C LEU A 111 11.69 18.76 14.84
N VAL A 112 12.14 17.53 14.76
CA VAL A 112 11.58 16.61 13.75
C VAL A 112 10.13 16.31 14.06
N ILE A 113 9.80 16.12 15.33
CA ILE A 113 8.41 15.89 15.73
C ILE A 113 7.54 17.08 15.35
N GLU A 114 8.02 18.31 15.60
CA GLU A 114 7.23 19.48 15.27
C GLU A 114 6.98 19.59 13.78
N ARG A 115 8.01 19.30 12.98
CA ARG A 115 7.84 19.28 11.52
C ARG A 115 6.84 18.23 11.08
N LEU A 116 6.95 17.04 11.67
CA LEU A 116 5.99 15.98 11.36
C LEU A 116 4.57 16.39 11.73
N ARG A 117 4.38 17.03 12.88
CA ARG A 117 3.06 17.49 13.27
C ARG A 117 2.47 18.39 12.24
N GLU A 118 3.27 19.35 11.78
CA GLU A 118 2.80 20.29 10.79
C GLU A 118 2.51 19.63 9.44
N HIS A 119 3.35 18.71 9.04
CA HIS A 119 3.13 17.95 7.81
C HIS A 119 1.81 17.17 7.85
N ILE A 120 1.64 16.40 8.92
CA ILE A 120 0.44 15.59 9.07
C ILE A 120 -0.81 16.46 9.19
N LYS A 121 -0.74 17.54 9.96
CA LYS A 121 -1.87 18.45 10.06
C LYS A 121 -2.28 18.95 8.66
N THR A 122 -1.30 19.40 7.92
CA THR A 122 -1.59 20.01 6.60
C THR A 122 -2.20 18.99 5.60
N ILE A 123 -1.60 17.83 5.45
CA ILE A 123 -1.99 16.84 4.47
C ILE A 123 -3.32 16.21 4.89
N CYS A 124 -3.40 15.82 6.15
CA CYS A 124 -4.63 15.17 6.63
C CYS A 124 -5.82 16.09 6.61
N THR A 125 -5.63 17.37 6.94
CA THR A 125 -6.73 18.31 6.91
C THR A 125 -7.31 18.45 5.48
N ARG A 126 -6.39 18.53 4.51
CA ARG A 126 -6.78 18.71 3.12
C ARG A 126 -7.55 17.55 2.49
N TYR A 127 -7.24 16.32 2.93
CA TYR A 127 -7.75 15.12 2.25
C TYR A 127 -8.59 14.22 3.14
N ARG A 128 -8.84 14.62 4.38
CA ARG A 128 -9.57 13.75 5.31
CA ARG A 128 -9.60 13.79 5.35
C ARG A 128 -10.99 13.44 4.85
N ASP A 129 -11.61 14.34 4.09
CA ASP A 129 -12.97 14.11 3.63
C ASP A 129 -13.09 12.96 2.63
N VAL A 130 -12.01 12.63 1.91
CA VAL A 130 -12.06 11.59 0.87
C VAL A 130 -11.22 10.36 1.18
N VAL A 131 -10.36 10.44 2.18
CA VAL A 131 -9.50 9.33 2.57
C VAL A 131 -10.18 8.47 3.61
N TYR A 132 -10.34 7.17 3.32
CA TYR A 132 -10.98 6.24 4.26
C TYR A 132 -9.98 5.47 5.08
N SER A 133 -8.71 5.42 4.63
CA SER A 133 -7.65 4.71 5.33
C SER A 133 -6.32 5.36 5.04
N TRP A 134 -5.53 5.59 6.06
CA TRP A 134 -4.20 6.18 5.96
C TRP A 134 -3.12 5.16 6.26
N ASP A 135 -2.07 5.13 5.44
CA ASP A 135 -0.83 4.42 5.80
C ASP A 135 -0.01 5.37 6.61
N VAL A 136 -0.20 5.40 7.93
CA VAL A 136 0.45 6.37 8.77
C VAL A 136 1.95 6.16 8.84
N VAL A 137 2.35 4.91 9.03
CA VAL A 137 3.74 4.54 9.05
C VAL A 137 3.88 3.33 8.12
N ASN A 138 4.93 3.39 7.30
CA ASN A 138 5.19 2.41 6.25
C ASN A 138 6.54 1.77 6.46
N ALA A 139 6.56 0.44 6.52
CA ALA A 139 7.83 -0.34 6.50
C ALA A 139 8.80 -0.03 7.65
N ALA A 140 8.27 0.16 8.87
CA ALA A 140 9.06 0.42 10.06
C ALA A 140 9.71 -0.82 10.65
N VAL A 141 9.15 -1.98 10.34
CA VAL A 141 9.69 -3.24 10.90
C VAL A 141 10.95 -3.64 10.11
N GLU A 142 12.03 -3.94 10.81
CA GLU A 142 13.29 -4.35 10.20
C GLU A 142 13.06 -5.62 9.38
N ASP A 143 13.50 -5.60 8.13
CA ASP A 143 13.20 -6.66 7.20
C ASP A 143 14.30 -7.73 7.15
N LYS A 144 15.54 -7.37 7.45
CA LYS A 144 16.68 -8.27 7.23
C LYS A 144 17.21 -8.85 8.54
N THR A 145 17.75 -7.98 9.40
CA THR A 145 18.33 -8.43 10.67
C THR A 145 17.25 -8.81 11.70
N ASP A 146 17.68 -9.22 12.89
CA ASP A 146 16.74 -9.71 13.89
C ASP A 146 16.25 -8.57 14.82
N VAL A 147 16.78 -7.35 14.67
CA VAL A 147 16.26 -6.23 15.47
C VAL A 147 14.81 -5.97 15.04
N LEU A 148 13.97 -5.45 15.95
CA LEU A 148 12.55 -5.29 15.62
C LEU A 148 12.33 -4.17 14.58
N LEU A 149 12.95 -3.03 14.83
CA LEU A 149 12.68 -1.81 14.06
C LEU A 149 13.82 -1.43 13.13
N ARG A 150 13.44 -1.13 11.89
CA ARG A 150 14.35 -0.56 10.93
C ARG A 150 15.00 0.72 11.44
N ASP A 151 16.32 0.85 11.27
CA ASP A 151 17.02 2.02 11.82
C ASP A 151 17.08 3.19 10.82
N SER A 152 15.92 3.73 10.52
CA SER A 152 15.83 4.91 9.66
C SER A 152 16.11 6.20 10.41
N LYS A 153 16.18 7.31 9.70
CA LYS A 153 16.41 8.58 10.37
C LYS A 153 15.24 8.92 11.30
N TRP A 154 14.02 8.52 10.91
CA TRP A 154 12.86 8.73 11.76
C TRP A 154 13.07 8.02 13.13
N ARG A 155 13.45 6.74 13.05
CA ARG A 155 13.65 5.93 14.27
C ARG A 155 14.84 6.42 15.07
N ARG A 156 15.96 6.70 14.38
CA ARG A 156 17.19 7.12 15.07
C ARG A 156 16.95 8.41 15.85
N ILE A 157 16.33 9.39 15.19
CA ILE A 157 16.27 10.76 15.77
C ILE A 157 15.14 10.86 16.77
N ILE A 158 13.99 10.31 16.44
CA ILE A 158 12.83 10.42 17.36
C ILE A 158 12.91 9.36 18.47
N GLY A 159 13.46 8.20 18.15
CA GLY A 159 13.53 7.06 19.07
C GLY A 159 12.43 6.06 18.81
N ASP A 160 12.38 5.00 19.61
CA ASP A 160 11.44 3.92 19.29
C ASP A 160 9.97 4.33 19.42
N ASP A 161 9.67 5.42 20.12
CA ASP A 161 8.28 5.84 20.26
C ASP A 161 7.75 6.51 19.02
N TYR A 162 8.55 6.62 17.96
CA TYR A 162 8.11 7.41 16.80
C TYR A 162 6.84 6.89 16.15
N ILE A 163 6.63 5.58 16.18
CA ILE A 163 5.47 5.04 15.54
C ILE A 163 4.23 5.51 16.28
N LYS A 164 4.23 5.30 17.60
CA LYS A 164 3.10 5.76 18.40
C LYS A 164 2.87 7.27 18.22
N ILE A 165 3.96 8.03 18.22
CA ILE A 165 3.88 9.49 18.05
C ILE A 165 3.19 9.86 16.72
N ALA A 166 3.59 9.21 15.64
CA ALA A 166 2.93 9.46 14.34
C ALA A 166 1.44 9.15 14.34
N PHE A 167 1.07 8.00 14.93
CA PHE A 167 -0.34 7.66 14.96
C PHE A 167 -1.14 8.64 15.83
N GLU A 168 -0.59 9.04 16.97
CA GLU A 168 -1.32 10.01 17.82
C GLU A 168 -1.52 11.38 17.15
N ILE A 169 -0.54 11.82 16.38
CA ILE A 169 -0.70 13.04 15.63
C ILE A 169 -1.77 12.87 14.54
N ALA A 170 -1.67 11.79 13.76
CA ALA A 170 -2.61 11.56 12.67
C ALA A 170 -4.06 11.52 13.17
N LYS A 171 -4.27 10.92 14.33
CA LYS A 171 -5.59 10.74 14.87
C LYS A 171 -6.28 12.07 15.14
N LYS A 172 -5.51 13.11 15.37
CA LYS A 172 -6.08 14.45 15.56
C LYS A 172 -6.80 15.02 14.35
N TYR A 173 -6.35 14.60 13.20
CA TYR A 173 -6.73 15.23 11.90
C TYR A 173 -7.40 14.33 10.87
N THR A 174 -7.73 13.06 11.20
CA THR A 174 -8.20 12.12 10.22
C THR A 174 -9.69 11.78 10.23
N GLY A 175 -10.46 12.28 11.22
CA GLY A 175 -11.91 11.94 11.30
C GLY A 175 -12.35 10.48 11.18
N ASN A 176 -13.15 10.16 10.17
CA ASN A 176 -13.66 8.79 10.10
C ASN A 176 -12.55 7.86 9.57
N GLY A 177 -11.41 8.44 9.16
CA GLY A 177 -10.38 7.69 8.47
C GLY A 177 -9.72 6.68 9.39
N LYS A 178 -9.56 5.45 8.90
CA LYS A 178 -8.89 4.46 9.71
C LYS A 178 -7.37 4.60 9.55
N LEU A 179 -6.66 4.25 10.58
CA LEU A 179 -5.21 4.43 10.64
C LEU A 179 -4.53 3.09 10.53
N PHE A 180 -3.69 2.96 9.51
CA PHE A 180 -2.99 1.71 9.24
C PHE A 180 -1.48 1.77 9.38
N TYR A 181 -0.93 0.64 9.84
CA TYR A 181 0.47 0.31 9.73
C TYR A 181 0.65 -0.57 8.47
N ASN A 182 1.49 -0.16 7.52
CA ASN A 182 1.65 -0.81 6.21
C ASN A 182 3.06 -1.36 6.02
N ASP A 183 3.16 -2.56 5.44
CA ASP A 183 4.47 -3.21 5.26
C ASP A 183 4.41 -4.35 4.23
N TYR A 184 5.60 -4.73 3.75
CA TYR A 184 5.79 -5.82 2.80
C TYR A 184 6.43 -7.01 3.53
N ASN A 185 6.29 -8.17 2.90
CA ASN A 185 6.77 -9.49 3.41
C ASN A 185 6.17 -9.84 4.73
N ASN A 186 5.13 -9.13 5.14
CA ASN A 186 4.65 -9.29 6.50
C ASN A 186 3.69 -10.48 6.64
N GLU A 187 3.46 -11.23 5.55
CA GLU A 187 2.87 -12.58 5.63
C GLU A 187 3.93 -13.69 5.93
N MET A 188 5.20 -13.39 5.69
CA MET A 188 6.26 -14.40 5.88
C MET A 188 6.55 -14.64 7.35
N PRO A 189 6.73 -15.93 7.74
CA PRO A 189 6.74 -16.24 9.15
C PRO A 189 7.69 -15.41 10.04
N TYR A 190 8.92 -15.20 9.60
CA TYR A 190 9.90 -14.39 10.33
C TYR A 190 9.43 -12.94 10.62
N LYS A 191 8.88 -12.30 9.60
CA LYS A 191 8.43 -10.92 9.70
C LYS A 191 7.07 -10.81 10.41
N LEU A 192 6.20 -11.78 10.15
CA LEU A 192 4.91 -11.86 10.81
C LEU A 192 5.09 -11.86 12.33
N GLU A 193 6.01 -12.69 12.84
CA GLU A 193 6.24 -12.76 14.30
C GLU A 193 6.73 -11.43 14.86
N LYS A 194 7.64 -10.81 14.14
CA LYS A 194 8.23 -9.56 14.55
C LYS A 194 7.12 -8.48 14.56
N THR A 195 6.37 -8.43 13.48
CA THR A 195 5.37 -7.38 13.27
C THR A 195 4.28 -7.54 14.33
N TYR A 196 3.83 -8.78 14.53
CA TYR A 196 2.93 -9.07 15.66
C TYR A 196 3.39 -8.47 16.97
N LYS A 197 4.65 -8.69 17.35
CA LYS A 197 5.15 -8.17 18.61
C LYS A 197 5.11 -6.65 18.69
N VAL A 198 5.50 -6.02 17.58
CA VAL A 198 5.52 -4.57 17.50
C VAL A 198 4.12 -4.00 17.65
N LEU A 199 3.16 -4.54 16.93
CA LEU A 199 1.82 -4.01 16.90
C LEU A 199 1.14 -4.29 18.22
N LYS A 200 1.45 -5.44 18.81
CA LYS A 200 0.86 -5.79 20.11
C LYS A 200 1.29 -4.79 21.15
N SER A 201 2.57 -4.48 21.18
CA SER A 201 3.14 -3.51 22.07
C SER A 201 2.51 -2.11 21.82
N LEU A 202 2.36 -1.74 20.56
CA LEU A 202 1.75 -0.44 20.26
C LEU A 202 0.33 -0.34 20.80
N LEU A 203 -0.45 -1.38 20.58
CA LEU A 203 -1.83 -1.38 21.01
C LEU A 203 -1.91 -1.32 22.55
N GLU A 204 -1.02 -2.06 23.21
CA GLU A 204 -1.03 -2.02 24.69
C GLU A 204 -0.55 -0.68 25.29
N GLU A 205 0.03 0.18 24.44
CA GLU A 205 0.42 1.53 24.81
C GLU A 205 -0.63 2.59 24.38
N GLY A 206 -1.79 2.16 23.92
CA GLY A 206 -2.90 3.04 23.56
C GLY A 206 -2.70 3.72 22.21
N THR A 207 -1.88 3.13 21.37
CA THR A 207 -1.67 3.67 20.01
C THR A 207 -2.97 3.47 19.24
N PRO A 208 -3.52 4.53 18.59
CA PRO A 208 -4.81 4.40 17.89
C PRO A 208 -4.66 3.82 16.47
N ILE A 209 -4.13 2.59 16.41
CA ILE A 209 -3.95 1.89 15.15
C ILE A 209 -5.19 1.03 14.91
N ASP A 210 -5.82 1.19 13.78
CA ASP A 210 -7.00 0.41 13.40
C ASP A 210 -6.70 -0.87 12.65
N GLY A 211 -5.64 -0.87 11.85
CA GLY A 211 -5.46 -1.95 10.90
C GLY A 211 -4.01 -2.15 10.44
N VAL A 212 -3.80 -3.30 9.82
CA VAL A 212 -2.53 -3.66 9.22
C VAL A 212 -2.70 -3.76 7.74
N GLY A 213 -1.77 -3.13 6.99
CA GLY A 213 -1.68 -3.26 5.55
C GLY A 213 -0.65 -4.33 5.18
N ILE A 214 -1.13 -5.33 4.48
CA ILE A 214 -0.29 -6.36 3.86
C ILE A 214 -0.09 -5.91 2.41
N GLN A 215 1.11 -5.41 2.09
CA GLN A 215 1.38 -4.88 0.76
C GLN A 215 1.15 -5.88 -0.37
N ALA A 216 1.58 -7.11 -0.14
CA ALA A 216 1.29 -8.18 -1.09
C ALA A 216 2.06 -8.01 -2.40
N HIS A 217 3.33 -7.62 -2.30
CA HIS A 217 4.20 -7.65 -3.46
C HIS A 217 4.74 -9.07 -3.59
N TRP A 218 4.00 -9.86 -4.35
CA TRP A 218 4.19 -11.28 -4.40
C TRP A 218 4.70 -11.73 -5.78
N ASN A 219 4.97 -13.02 -5.87
CA ASN A 219 5.32 -13.64 -7.17
C ASN A 219 4.63 -14.99 -7.34
N ILE A 220 4.62 -15.47 -8.57
CA ILE A 220 3.91 -16.72 -8.92
C ILE A 220 4.53 -18.04 -8.44
N TRP A 221 5.74 -17.97 -7.88
CA TRP A 221 6.52 -19.16 -7.58
C TRP A 221 6.59 -19.44 -6.10
N ASP A 222 5.92 -18.62 -5.29
CA ASP A 222 6.01 -18.72 -3.82
C ASP A 222 5.07 -19.82 -3.36
N LYS A 223 5.66 -20.93 -2.90
CA LYS A 223 4.91 -22.15 -2.62
C LYS A 223 4.24 -22.03 -1.27
N ASN A 224 4.77 -21.13 -0.44
CA ASN A 224 4.31 -20.96 0.93
C ASN A 224 3.28 -19.84 1.08
N LEU A 225 2.95 -19.20 -0.02
CA LEU A 225 2.22 -17.93 0.03
C LEU A 225 0.83 -18.09 0.64
N ILE A 226 0.08 -19.09 0.18
CA ILE A 226 -1.31 -19.24 0.63
C ILE A 226 -1.36 -19.63 2.11
N ASP A 227 -0.52 -20.59 2.52
CA ASP A 227 -0.41 -20.90 3.95
C ASP A 227 0.05 -19.68 4.78
N ASN A 228 1.11 -19.01 4.34
CA ASN A 228 1.60 -17.81 5.00
C ASN A 228 0.53 -16.74 5.17
N LEU A 229 -0.24 -16.52 4.13
CA LEU A 229 -1.22 -15.44 4.09
C LEU A 229 -2.33 -15.74 5.08
N LYS A 230 -2.75 -17.01 5.13
CA LYS A 230 -3.78 -17.41 6.09
C LYS A 230 -3.34 -17.24 7.53
N ARG A 231 -2.09 -17.60 7.80
CA ARG A 231 -1.47 -17.48 9.11
C ARG A 231 -1.49 -16.01 9.49
N ALA A 232 -1.14 -15.18 8.52
CA ALA A 232 -0.91 -13.77 8.74
C ALA A 232 -2.23 -13.05 9.09
N ILE A 233 -3.24 -13.28 8.27
CA ILE A 233 -4.57 -12.69 8.46
C ILE A 233 -5.10 -13.07 9.84
N GLU A 234 -5.02 -14.36 10.17
CA GLU A 234 -5.51 -14.81 11.48
C GLU A 234 -4.74 -14.18 12.63
N THR A 235 -3.42 -14.07 12.47
CA THR A 235 -2.55 -13.55 13.51
C THR A 235 -2.83 -12.07 13.76
N TYR A 236 -2.88 -11.29 12.69
CA TYR A 236 -3.18 -9.85 12.81
C TYR A 236 -4.61 -9.61 13.33
N ALA A 237 -5.56 -10.40 12.84
CA ALA A 237 -6.97 -10.26 13.24
C ALA A 237 -7.12 -10.50 14.73
N SER A 238 -6.22 -11.32 15.29
CA SER A 238 -6.28 -11.70 16.72
C SER A 238 -5.94 -10.53 17.65
N LEU A 239 -5.35 -9.49 17.06
CA LEU A 239 -5.00 -8.27 17.78
C LEU A 239 -6.15 -7.28 17.75
N GLY A 240 -7.24 -7.61 17.07
CA GLY A 240 -8.37 -6.71 16.90
C GLY A 240 -8.21 -5.75 15.72
N LEU A 241 -7.22 -5.99 14.86
CA LEU A 241 -6.97 -5.12 13.74
C LEU A 241 -7.74 -5.54 12.48
N GLU A 242 -8.18 -4.56 11.72
CA GLU A 242 -8.62 -4.70 10.34
C GLU A 242 -7.39 -5.09 9.48
N ILE A 243 -7.66 -5.81 8.40
CA ILE A 243 -6.65 -6.10 7.39
C ILE A 243 -7.03 -5.40 6.11
N GLN A 244 -6.05 -4.74 5.48
CA GLN A 244 -6.20 -4.38 4.09
C GLN A 244 -5.01 -4.96 3.31
N ILE A 245 -5.33 -5.37 2.10
CA ILE A 245 -4.34 -5.77 1.10
C ILE A 245 -4.11 -4.50 0.30
N THR A 246 -2.92 -3.91 0.40
CA THR A 246 -2.72 -2.52 -0.02
C THR A 246 -2.02 -2.28 -1.35
N GLU A 247 -1.18 -3.23 -1.79
CA GLU A 247 -0.33 -3.00 -2.95
C GLU A 247 -0.13 -4.28 -3.75
N LEU A 248 -1.21 -5.03 -3.91
CA LEU A 248 -1.11 -6.35 -4.55
C LEU A 248 -0.58 -6.26 -5.99
N ASP A 249 0.44 -7.08 -6.24
CA ASP A 249 0.86 -7.35 -7.62
C ASP A 249 1.58 -8.70 -7.58
N ILE A 250 1.59 -9.43 -8.69
CA ILE A 250 2.10 -10.81 -8.69
C ILE A 250 3.07 -10.98 -9.84
N SER A 251 4.34 -10.77 -9.53
CA SER A 251 5.40 -10.78 -10.53
C SER A 251 5.51 -12.18 -11.13
N VAL A 252 5.93 -12.24 -12.38
CA VAL A 252 6.29 -13.53 -13.04
C VAL A 252 7.69 -14.01 -12.67
N PHE A 253 8.44 -13.17 -11.95
CA PHE A 253 9.80 -13.53 -11.54
C PHE A 253 9.95 -13.70 -10.03
N GLU A 254 10.80 -14.64 -9.65
CA GLU A 254 11.32 -14.66 -8.28
C GLU A 254 12.11 -13.38 -8.07
N PHE A 255 12.17 -12.90 -6.83
CA PHE A 255 12.83 -11.61 -6.57
C PHE A 255 14.24 -11.51 -7.13
N GLU A 256 14.97 -12.63 -6.98
CA GLU A 256 16.37 -12.72 -7.39
C GLU A 256 16.57 -13.13 -8.84
N ASP A 257 15.49 -13.47 -9.55
CA ASP A 257 15.61 -13.68 -11.00
C ASP A 257 15.62 -12.35 -11.73
N ARG A 258 16.80 -11.90 -12.16
CA ARG A 258 16.98 -10.61 -12.78
C ARG A 258 17.11 -10.70 -14.30
N ARG A 259 16.64 -11.80 -14.89
CA ARG A 259 16.70 -11.92 -16.33
C ARG A 259 15.94 -10.76 -16.99
N THR A 260 16.47 -10.34 -18.13
CA THR A 260 15.96 -9.18 -18.89
C THR A 260 15.59 -9.51 -20.33
N ASP A 261 15.59 -10.79 -20.66
CA ASP A 261 15.40 -11.24 -22.04
C ASP A 261 13.91 -11.38 -22.44
N LEU A 262 13.01 -11.52 -21.46
CA LEU A 262 11.63 -11.92 -21.76
C LEU A 262 10.86 -10.78 -22.39
N LEU A 263 10.25 -11.03 -23.55
CA LEU A 263 9.48 -10.01 -24.23
C LEU A 263 7.99 -10.18 -23.92
N GLU A 264 7.62 -11.33 -23.38
CA GLU A 264 6.28 -11.63 -23.03
C GLU A 264 6.36 -12.77 -22.00
N PRO A 265 5.34 -12.92 -21.15
CA PRO A 265 5.44 -14.05 -20.22
C PRO A 265 5.28 -15.40 -20.90
N THR A 266 5.76 -16.45 -20.26
CA THR A 266 5.59 -17.80 -20.81
C THR A 266 4.17 -18.25 -20.51
N GLU A 267 3.72 -19.27 -21.25
CA GLU A 267 2.44 -19.86 -20.99
C GLU A 267 2.31 -20.37 -19.57
N GLU A 268 3.36 -21.02 -19.08
CA GLU A 268 3.37 -21.49 -17.71
C GLU A 268 3.15 -20.25 -16.80
N MET A 269 3.77 -19.13 -17.13
CA MET A 269 3.70 -17.95 -16.25
C MET A 269 2.29 -17.42 -16.14
N VAL A 270 1.62 -17.30 -17.27
CA VAL A 270 0.26 -16.78 -17.31
C VAL A 270 -0.73 -17.68 -16.58
N GLU A 271 -0.60 -19.00 -16.76
CA GLU A 271 -1.51 -19.95 -16.11
C GLU A 271 -1.28 -19.94 -14.63
N LEU A 272 -0.02 -19.87 -14.22
CA LEU A 272 0.33 -19.96 -12.81
C LEU A 272 -0.23 -18.70 -12.15
N GLN A 273 -0.06 -17.61 -12.86
CA GLN A 273 -0.47 -16.29 -12.37
C GLN A 273 -1.98 -16.28 -12.14
N ALA A 274 -2.72 -16.76 -13.13
CA ALA A 274 -4.20 -16.89 -13.02
C ALA A 274 -4.58 -17.72 -11.81
N LYS A 275 -3.88 -18.82 -11.61
CA LYS A 275 -4.07 -19.65 -10.44
C LYS A 275 -3.78 -18.92 -9.12
N VAL A 276 -2.63 -18.23 -9.02
CA VAL A 276 -2.24 -17.64 -7.73
C VAL A 276 -3.22 -16.50 -7.39
N TYR A 277 -3.60 -15.72 -8.39
CA TYR A 277 -4.64 -14.68 -8.25
C TYR A 277 -5.95 -15.32 -7.79
N GLU A 278 -6.37 -16.39 -8.45
CA GLU A 278 -7.57 -17.06 -7.98
C GLU A 278 -7.44 -17.52 -6.56
N ASP A 279 -6.30 -18.09 -6.20
CA ASP A 279 -6.09 -18.63 -4.87
C ASP A 279 -6.06 -17.52 -3.79
N VAL A 280 -5.34 -16.42 -4.05
CA VAL A 280 -5.26 -15.36 -3.04
C VAL A 280 -6.62 -14.68 -2.83
N PHE A 281 -7.36 -14.42 -3.90
CA PHE A 281 -8.70 -13.87 -3.80
C PHE A 281 -9.72 -14.80 -3.13
N ARG A 282 -9.50 -16.11 -3.23
CA ARG A 282 -10.32 -17.06 -2.50
C ARG A 282 -10.09 -16.86 -1.03
N VAL A 283 -8.82 -16.71 -0.65
CA VAL A 283 -8.45 -16.50 0.74
C VAL A 283 -9.05 -15.16 1.19
N PHE A 284 -9.00 -14.15 0.32
CA PHE A 284 -9.53 -12.81 0.67
C PHE A 284 -11.03 -12.92 1.01
N ARG A 285 -11.78 -13.67 0.20
CA ARG A 285 -13.21 -13.93 0.49
C ARG A 285 -13.46 -14.73 1.77
N GLU A 286 -12.62 -15.71 2.05
CA GLU A 286 -12.75 -16.52 3.27
C GLU A 286 -12.60 -15.69 4.55
N TYR A 287 -11.84 -14.59 4.44
CA TYR A 287 -11.54 -13.79 5.60
C TYR A 287 -12.15 -12.41 5.40
N ARG A 288 -13.23 -12.36 4.61
CA ARG A 288 -13.91 -11.11 4.37
C ARG A 288 -14.42 -10.38 5.61
N ASP A 289 -14.54 -11.10 6.73
CA ASP A 289 -14.99 -10.46 7.98
C ASP A 289 -13.95 -9.49 8.55
N VAL A 290 -12.68 -9.73 8.25
CA VAL A 290 -11.60 -8.92 8.77
C VAL A 290 -10.90 -8.10 7.65
N ILE A 291 -11.19 -8.37 6.39
CA ILE A 291 -10.54 -7.63 5.28
C ILE A 291 -11.51 -6.58 4.74
N THR A 292 -11.10 -5.30 4.78
CA THR A 292 -11.95 -4.22 4.37
C THR A 292 -11.63 -3.56 3.01
N SER A 293 -10.47 -3.85 2.45
CA SER A 293 -10.09 -3.28 1.17
C SER A 293 -8.96 -4.10 0.56
N VAL A 294 -9.03 -4.22 -0.75
CA VAL A 294 -7.99 -4.87 -1.55
C VAL A 294 -7.61 -3.96 -2.71
N THR A 295 -6.35 -3.53 -2.71
CA THR A 295 -5.83 -2.64 -3.72
C THR A 295 -4.69 -3.32 -4.48
N LEU A 296 -4.70 -3.11 -5.80
CA LEU A 296 -3.65 -3.55 -6.71
C LEU A 296 -2.71 -2.42 -6.98
N TRP A 297 -1.43 -2.73 -7.08
CA TRP A 297 -0.46 -1.67 -7.26
C TRP A 297 -0.30 -1.30 -8.73
N GLY A 298 -1.41 -0.85 -9.32
CA GLY A 298 -1.47 -0.47 -10.72
C GLY A 298 -2.77 -1.02 -11.32
N ILE A 299 -2.98 -0.71 -12.58
CA ILE A 299 -4.23 -1.02 -13.25
C ILE A 299 -4.01 -2.07 -14.34
N SER A 300 -3.12 -1.72 -15.28
CA SER A 300 -2.71 -2.66 -16.32
C SER A 300 -1.19 -2.82 -16.39
N ASP A 301 -0.80 -3.89 -17.08
CA ASP A 301 0.62 -4.25 -17.29
C ASP A 301 1.31 -3.20 -18.11
N ARG A 302 0.56 -2.28 -18.71
CA ARG A 302 1.18 -1.14 -19.39
C ARG A 302 2.02 -0.17 -18.51
N HIS A 303 1.60 -0.02 -17.27
CA HIS A 303 2.26 0.86 -16.29
C HIS A 303 2.37 0.12 -14.96
N THR A 304 3.59 -0.29 -14.61
CA THR A 304 3.86 -1.00 -13.35
C THR A 304 5.28 -0.67 -12.88
N TRP A 305 5.41 -0.43 -11.58
CA TRP A 305 6.72 -0.17 -11.00
C TRP A 305 7.64 -1.39 -11.15
N LYS A 306 7.04 -2.56 -11.41
CA LYS A 306 7.80 -3.80 -11.52
C LYS A 306 8.65 -3.82 -12.79
N ASP A 307 8.37 -2.93 -13.72
CA ASP A 307 9.21 -2.78 -14.91
C ASP A 307 10.61 -2.19 -14.60
N ASN A 308 10.77 -1.59 -13.43
CA ASN A 308 12.05 -0.98 -13.05
C ASN A 308 12.56 -1.40 -11.67
N PHE A 309 11.81 -2.24 -10.98
CA PHE A 309 12.20 -2.75 -9.69
C PHE A 309 11.85 -4.21 -9.58
N PRO A 310 12.81 -5.05 -9.20
CA PRO A 310 14.19 -4.77 -8.78
C PRO A 310 15.21 -4.58 -9.87
N VAL A 311 14.80 -4.77 -11.12
CA VAL A 311 15.66 -4.51 -12.27
C VAL A 311 15.25 -3.35 -13.12
N ILE A 312 16.12 -2.38 -13.29
CA ILE A 312 15.83 -1.26 -14.15
C ILE A 312 15.67 -1.71 -15.59
N GLY A 313 14.64 -1.23 -16.26
CA GLY A 313 14.49 -1.39 -17.71
C GLY A 313 14.10 -2.77 -18.20
N ARG A 314 13.37 -3.52 -17.39
CA ARG A 314 12.89 -4.81 -17.84
C ARG A 314 11.46 -5.10 -17.47
N LYS A 315 10.73 -5.58 -18.45
CA LYS A 315 9.29 -5.76 -18.38
C LYS A 315 8.79 -6.89 -17.49
N ASP A 316 7.70 -6.62 -16.74
CA ASP A 316 7.00 -7.59 -15.94
C ASP A 316 5.49 -7.44 -16.29
N TRP A 317 4.69 -8.43 -15.84
CA TRP A 317 3.26 -8.55 -16.20
C TRP A 317 2.44 -8.94 -14.99
N PRO A 318 2.41 -8.05 -13.95
CA PRO A 318 1.98 -8.43 -12.62
C PRO A 318 0.52 -8.19 -12.22
N LEU A 319 -0.26 -7.63 -13.09
CA LEU A 319 -1.59 -7.07 -12.75
C LEU A 319 -2.73 -7.84 -13.40
N LEU A 320 -3.95 -7.32 -13.29
CA LEU A 320 -5.14 -8.06 -13.78
C LEU A 320 -5.56 -7.72 -15.19
N PHE A 321 -5.01 -6.63 -15.74
CA PHE A 321 -5.30 -6.19 -17.09
C PHE A 321 -3.99 -6.19 -17.86
N ASP A 322 -4.03 -6.67 -19.09
CA ASP A 322 -2.80 -6.83 -19.85
C ASP A 322 -2.29 -5.53 -20.49
N ILE A 323 -1.19 -5.57 -21.27
CA ILE A 323 -0.63 -4.31 -21.83
C ILE A 323 -1.56 -3.52 -22.76
N ASP A 324 -2.63 -4.17 -23.21
CA ASP A 324 -3.64 -3.51 -24.05
C ASP A 324 -4.86 -3.06 -23.24
N GLY A 325 -4.85 -3.32 -21.93
CA GLY A 325 -6.01 -3.00 -21.07
C GLY A 325 -7.12 -4.04 -20.99
N LYS A 326 -6.90 -5.23 -21.56
CA LYS A 326 -7.89 -6.28 -21.51
C LYS A 326 -7.78 -7.12 -20.27
N PRO A 327 -8.93 -7.55 -19.73
CA PRO A 327 -8.88 -8.41 -18.58
C PRO A 327 -8.18 -9.71 -18.94
N LYS A 328 -7.27 -10.12 -18.07
CA LYS A 328 -6.52 -11.35 -18.21
C LYS A 328 -7.33 -12.51 -17.68
N LYS A 329 -6.84 -13.73 -17.92
CA LYS A 329 -7.56 -14.89 -17.46
C LYS A 329 -7.72 -14.77 -15.94
N ALA A 330 -6.71 -14.20 -15.28
CA ALA A 330 -6.69 -14.02 -13.85
C ALA A 330 -7.94 -13.26 -13.38
N PHE A 331 -8.31 -12.24 -14.11
CA PHE A 331 -9.47 -11.42 -13.82
C PHE A 331 -10.75 -12.28 -13.79
N PHE A 332 -10.94 -13.08 -14.84
CA PHE A 332 -12.12 -13.94 -14.87
C PHE A 332 -12.10 -15.02 -13.81
N ARG A 333 -10.92 -15.46 -13.34
CA ARG A 333 -10.88 -16.42 -12.24
C ARG A 333 -11.34 -15.81 -10.90
N ILE A 334 -10.95 -14.55 -10.63
CA ILE A 334 -11.29 -13.94 -9.33
C ILE A 334 -12.72 -13.41 -9.23
N ILE A 335 -13.40 -13.24 -10.36
CA ILE A 335 -14.85 -12.96 -10.37
C ILE A 335 -15.73 -14.22 -10.53
N ASP A 336 -15.12 -15.39 -10.53
CA ASP A 336 -15.85 -16.64 -10.73
C ASP A 336 -16.18 -17.28 -9.38
N PHE A 337 -17.22 -16.81 -8.72
CA PHE A 337 -17.56 -17.36 -7.41
C PHE A 337 -18.98 -17.05 -7.00
N LEU A 338 -19.44 -17.73 -5.95
CA LEU A 338 -20.80 -17.57 -5.39
C LEU A 338 -20.77 -16.82 -4.06
#